data_9GUF
#
_entry.id   9GUF
#
_cell.length_a   167.990
_cell.length_b   167.990
_cell.length_c   51.720
_cell.angle_alpha   90.000
_cell.angle_beta   90.000
_cell.angle_gamma   120.000
#
_symmetry.space_group_name_H-M   'P 31 2 1'
#
loop_
_entity.id
_entity.type
_entity.pdbx_description
1 polymer "2'-O-methyltransferase nsp16"
2 polymer 'Non-structural protein 10'
3 non-polymer 1,2-ETHANEDIOL
4 non-polymer '2-(N-MORPHOLINO)-ETHANESULFONIC ACID'
5 non-polymer 7-[(3~{S},4~{S},6~{R})-1-[3-(aminomethyl)phenyl]carbonyl-4-methyl-4,6-bis(oxidanyl)azepan-3-yl]-1,3-dimethyl-purine-2,6-dione
6 non-polymer S-ADENOSYLMETHIONINE
7 non-polymer 'CHLORIDE ION'
8 non-polymer 'ZINC ION'
9 water water
#
loop_
_entity_poly.entity_id
_entity_poly.type
_entity_poly.pdbx_seq_one_letter_code
_entity_poly.pdbx_strand_id
1 'polypeptide(L)'
;SSQAWQPGVAMPNLYKMQRMLLEKCDLQNYGDSATLPKGIMMNVAKYTQLCQYLNTLTLAVPYNMRVIHFGAGSDKGVAP
GTAVLRQWLPTGTLLVDSDLNDFVSDADSTLIGDCATVHTANKWDLIISDMYDPKTKNVTKENDSKEGFFTYICGFIQQK
LALGGSVAIKITEHSWNADLYKLMGHFAWWTAFVTNVNASSSEAFLIGCNYLGKPREQIDGYVMHANYIFWRNTNPIQLS
SYSLFDMSKFPLKLRGTAVMSLKEGQINDMILSLLSKGRLIIRENNRVVISSDVLVNNENLYFQ
;
A
2 'polypeptide(L)'
;GAGNATEVPANSTVLSFCAFAVDAAKAYKDYLASGGQPITNCVKMLCTHTGTGQAITVTPEANMDQESFGGASCCLYCRC
HIDHPNPKGFCDLKGKYVQIPTTCANDPVGFTLKNTVCTVCGMWKGYGCSCDQLREPMLQ
;
B
#
# COMPACT_ATOMS: atom_id res chain seq x y z
N SER A 1 25.71 -12.92 4.85
CA SER A 1 24.45 -12.48 4.25
C SER A 1 23.74 -11.48 5.12
N SER A 2 22.87 -12.01 6.00
CA SER A 2 21.95 -11.22 6.82
C SER A 2 20.88 -10.56 5.97
N GLN A 3 21.20 -10.25 4.70
CA GLN A 3 20.25 -9.54 3.85
C GLN A 3 19.00 -10.38 3.65
N ALA A 4 19.14 -11.71 3.68
CA ALA A 4 18.00 -12.58 3.46
C ALA A 4 17.01 -12.51 4.61
N TRP A 5 17.42 -12.01 5.77
CA TRP A 5 16.51 -11.81 6.89
C TRP A 5 15.99 -10.39 7.01
N GLN A 6 16.46 -9.49 6.18
CA GLN A 6 15.88 -8.17 6.09
C GLN A 6 14.62 -8.21 5.24
N PRO A 7 13.83 -7.13 5.23
CA PRO A 7 12.66 -7.09 4.33
C PRO A 7 13.05 -6.85 2.88
N GLY A 8 14.29 -6.43 2.67
CA GLY A 8 14.74 -6.14 1.32
C GLY A 8 16.05 -5.42 1.41
N VAL A 9 16.43 -4.76 0.33
CA VAL A 9 17.74 -4.13 0.24
C VAL A 9 17.61 -2.75 -0.35
N ALA A 10 18.23 -1.76 0.31
CA ALA A 10 18.26 -0.39 -0.17
C ALA A 10 19.55 -0.09 -0.95
N MET A 11 19.45 0.81 -1.91
CA MET A 11 20.60 1.17 -2.72
C MET A 11 21.70 1.80 -1.86
N PRO A 12 22.88 1.20 -1.82
CA PRO A 12 23.96 1.78 -1.02
C PRO A 12 24.34 3.17 -1.49
N ASN A 13 24.69 4.02 -0.51
CA ASN A 13 24.98 5.42 -0.76
C ASN A 13 26.07 5.60 -1.82
N LEU A 14 27.08 4.73 -1.81
CA LEU A 14 28.15 4.88 -2.80
C LEU A 14 27.65 4.75 -4.24
N TYR A 15 26.63 3.91 -4.47
CA TYR A 15 26.12 3.79 -5.84
C TYR A 15 25.36 5.04 -6.26
N LYS A 16 24.72 5.72 -5.31
CA LYS A 16 24.06 6.98 -5.61
C LYS A 16 25.05 8.05 -6.05
N MET A 17 26.31 7.94 -5.61
CA MET A 17 27.36 8.92 -5.87
C MET A 17 28.07 8.69 -7.19
N GLN A 18 27.64 7.74 -8.00
CA GLN A 18 28.38 7.45 -9.21
C GLN A 18 27.83 8.31 -10.35
N ARG A 19 28.49 8.21 -11.51
N ARG A 19 28.49 8.22 -11.51
CA ARG A 19 28.01 8.86 -12.73
CA ARG A 19 28.02 8.86 -12.72
C ARG A 19 27.99 7.84 -13.86
C ARG A 19 27.99 7.83 -13.85
N MET A 20 27.13 6.82 -13.74
CA MET A 20 27.08 5.74 -14.73
C MET A 20 26.23 6.11 -15.92
N LEU A 21 26.43 5.38 -17.02
CA LEU A 21 25.59 5.47 -18.18
C LEU A 21 24.54 4.37 -18.11
N LEU A 22 23.36 4.63 -18.67
CA LEU A 22 22.28 3.68 -18.58
C LEU A 22 22.57 2.44 -19.42
N GLU A 23 22.41 1.27 -18.83
CA GLU A 23 22.51 0.01 -19.55
C GLU A 23 21.23 -0.76 -19.35
N LYS A 24 21.11 -1.81 -20.15
CA LYS A 24 20.05 -2.79 -19.98
C LYS A 24 20.19 -3.50 -18.64
N CYS A 25 19.05 -3.72 -18.00
CA CYS A 25 19.03 -4.45 -16.74
C CYS A 25 19.04 -5.96 -16.98
N ASP A 26 20.05 -6.62 -16.43
CA ASP A 26 20.24 -8.06 -16.53
C ASP A 26 20.41 -8.64 -15.14
N LEU A 27 19.36 -9.28 -14.64
CA LEU A 27 19.34 -9.82 -13.29
C LEU A 27 19.60 -11.31 -13.32
N GLN A 28 20.53 -11.75 -12.49
CA GLN A 28 20.98 -13.12 -12.54
C GLN A 28 19.85 -14.06 -12.17
N ASN A 29 18.94 -13.64 -11.28
CA ASN A 29 17.85 -14.51 -10.85
C ASN A 29 16.55 -14.17 -11.54
N TYR A 30 16.62 -13.53 -12.70
CA TYR A 30 15.42 -13.21 -13.42
C TYR A 30 14.59 -14.45 -13.69
N GLY A 31 13.29 -14.34 -13.43
CA GLY A 31 12.35 -15.42 -13.66
C GLY A 31 12.12 -16.32 -12.46
N ASP A 32 13.08 -16.40 -11.54
CA ASP A 32 12.89 -17.08 -10.26
C ASP A 32 11.83 -16.40 -9.40
N SER A 33 11.26 -17.16 -8.46
CA SER A 33 10.22 -16.67 -7.56
C SER A 33 10.52 -17.13 -6.14
N ALA A 34 10.22 -16.28 -5.17
CA ALA A 34 10.35 -16.67 -3.78
C ALA A 34 9.20 -17.57 -3.37
N THR A 35 9.45 -18.38 -2.34
N THR A 35 9.45 -18.38 -2.34
CA THR A 35 8.41 -19.26 -1.81
CA THR A 35 8.42 -19.26 -1.79
C THR A 35 7.60 -18.47 -0.79
C THR A 35 7.61 -18.48 -0.78
N LEU A 36 6.41 -18.09 -1.17
CA LEU A 36 5.57 -17.31 -0.26
C LEU A 36 4.92 -18.24 0.77
N PRO A 37 4.61 -17.73 1.97
CA PRO A 37 3.85 -18.53 2.93
C PRO A 37 2.54 -18.99 2.30
N LYS A 38 2.02 -20.11 2.78
CA LYS A 38 0.85 -20.71 2.16
C LYS A 38 -0.31 -19.73 2.01
N GLY A 39 -0.80 -19.62 0.79
CA GLY A 39 -1.96 -18.81 0.49
C GLY A 39 -1.73 -17.32 0.54
N ILE A 40 -0.48 -16.85 0.65
CA ILE A 40 -0.21 -15.41 0.69
C ILE A 40 0.08 -14.90 -0.73
N MET A 41 -0.52 -13.76 -1.10
CA MET A 41 -0.32 -13.18 -2.45
C MET A 41 1.00 -12.39 -2.51
N MET A 42 1.61 -12.35 -3.71
CA MET A 42 2.80 -11.54 -3.92
C MET A 42 2.60 -10.10 -3.45
N ASN A 43 1.45 -9.50 -3.73
CA ASN A 43 1.32 -8.09 -3.40
C ASN A 43 1.16 -7.87 -1.90
N VAL A 44 0.51 -8.77 -1.18
CA VAL A 44 0.57 -8.71 0.28
C VAL A 44 2.02 -8.80 0.77
N ALA A 45 2.78 -9.77 0.28
CA ALA A 45 4.16 -9.93 0.73
C ALA A 45 4.98 -8.69 0.43
N LYS A 46 4.79 -8.18 -0.78
CA LYS A 46 5.54 -7.05 -1.27
C LYS A 46 5.28 -5.83 -0.40
N TYR A 47 4.00 -5.50 -0.20
CA TYR A 47 3.69 -4.36 0.64
C TYR A 47 4.14 -4.54 2.08
N THR A 48 4.01 -5.75 2.61
CA THR A 48 4.48 -6.04 3.97
C THR A 48 5.98 -5.72 4.09
N GLN A 49 6.81 -6.20 3.14
CA GLN A 49 8.23 -5.89 3.21
C GLN A 49 8.50 -4.41 2.99
N LEU A 50 7.72 -3.75 2.16
CA LEU A 50 7.89 -2.30 2.00
C LEU A 50 7.63 -1.60 3.33
N CYS A 51 6.56 -1.98 4.01
CA CYS A 51 6.24 -1.36 5.29
C CYS A 51 7.26 -1.72 6.38
N GLN A 52 7.74 -2.95 6.39
CA GLN A 52 8.81 -3.31 7.33
C GLN A 52 10.03 -2.41 7.12
N TYR A 53 10.43 -2.15 5.88
CA TYR A 53 11.56 -1.25 5.66
C TYR A 53 11.21 0.17 6.09
N LEU A 54 10.00 0.64 5.78
CA LEU A 54 9.63 1.98 6.17
C LEU A 54 9.67 2.15 7.69
N ASN A 55 9.51 1.05 8.43
CA ASN A 55 9.59 1.11 9.88
C ASN A 55 10.99 1.48 10.36
N THR A 56 12.01 1.31 9.52
CA THR A 56 13.38 1.61 9.92
C THR A 56 13.76 3.07 9.65
N LEU A 57 12.86 3.89 9.09
CA LEU A 57 13.15 5.26 8.69
C LEU A 57 12.45 6.22 9.67
N THR A 58 12.73 7.51 9.53
CA THR A 58 12.20 8.54 10.44
C THR A 58 10.90 9.14 9.91
N LEU A 59 9.90 8.30 9.74
CA LEU A 59 8.64 8.81 9.22
C LEU A 59 7.93 9.60 10.30
N ALA A 60 7.37 10.72 9.91
CA ALA A 60 6.47 11.46 10.75
C ALA A 60 5.14 10.73 10.83
N VAL A 61 4.62 10.58 12.05
CA VAL A 61 3.41 9.78 12.26
C VAL A 61 2.48 10.59 13.16
N PRO A 62 1.80 11.59 12.63
CA PRO A 62 0.95 12.43 13.48
C PRO A 62 -0.38 11.79 13.79
N TYR A 63 -1.04 12.35 14.81
CA TYR A 63 -2.44 12.05 15.03
C TYR A 63 -3.21 12.49 13.79
N ASN A 64 -4.27 11.76 13.48
CA ASN A 64 -5.05 12.04 12.27
C ASN A 64 -4.13 12.11 11.04
N MET A 65 -3.26 11.12 10.93
CA MET A 65 -2.46 10.97 9.73
C MET A 65 -3.32 10.80 8.47
N ARG A 66 -2.78 11.30 7.37
CA ARG A 66 -3.43 11.23 6.07
C ARG A 66 -2.50 10.55 5.07
N VAL A 67 -2.99 9.49 4.43
CA VAL A 67 -2.20 8.72 3.48
C VAL A 67 -3.00 8.49 2.21
N ILE A 68 -2.36 8.66 1.07
CA ILE A 68 -3.03 8.37 -0.19
C ILE A 68 -2.20 7.36 -0.96
N HIS A 69 -2.88 6.47 -1.66
CA HIS A 69 -2.31 5.27 -2.25
C HIS A 69 -2.81 5.18 -3.69
N PHE A 70 -1.95 5.49 -4.66
CA PHE A 70 -2.26 5.41 -6.07
C PHE A 70 -1.87 4.07 -6.68
N GLY A 71 -2.58 3.67 -7.73
CA GLY A 71 -2.32 2.35 -8.28
C GLY A 71 -2.73 1.22 -7.36
N ALA A 72 -3.86 1.35 -6.68
CA ALA A 72 -4.21 0.43 -5.59
C ALA A 72 -5.07 -0.75 -6.03
N GLY A 73 -5.50 -0.83 -7.28
CA GLY A 73 -6.36 -1.93 -7.71
C GLY A 73 -5.53 -3.02 -8.37
N SER A 74 -5.92 -4.27 -8.15
CA SER A 74 -5.31 -5.38 -8.87
C SER A 74 -6.20 -5.88 -10.01
N ASP A 75 -5.67 -6.82 -10.79
CA ASP A 75 -6.46 -7.48 -11.81
C ASP A 75 -7.50 -8.42 -11.21
N LYS A 76 -7.51 -8.59 -9.89
CA LYS A 76 -8.50 -9.41 -9.23
C LYS A 76 -9.67 -8.60 -8.71
N GLY A 77 -9.68 -7.28 -8.92
CA GLY A 77 -10.71 -6.38 -8.41
C GLY A 77 -10.66 -6.07 -6.93
N VAL A 78 -9.53 -6.32 -6.25
CA VAL A 78 -9.38 -6.04 -4.81
C VAL A 78 -8.11 -5.21 -4.60
N ALA A 79 -7.79 -4.89 -3.36
CA ALA A 79 -6.70 -3.96 -3.07
C ALA A 79 -5.86 -4.59 -1.97
N PRO A 80 -4.98 -5.52 -2.36
CA PRO A 80 -4.09 -6.13 -1.37
C PRO A 80 -3.18 -5.13 -0.69
N GLY A 81 -2.51 -4.31 -1.49
CA GLY A 81 -1.64 -3.29 -0.94
C GLY A 81 -2.32 -2.37 0.08
N THR A 82 -3.52 -1.88 -0.24
CA THR A 82 -4.25 -1.03 0.69
C THR A 82 -4.53 -1.78 2.01
N ALA A 83 -4.90 -3.06 1.93
CA ALA A 83 -5.15 -3.86 3.10
C ALA A 83 -3.89 -3.92 3.99
N VAL A 84 -2.71 -3.99 3.38
CA VAL A 84 -1.47 -4.00 4.17
C VAL A 84 -1.17 -2.63 4.77
N LEU A 85 -1.33 -1.56 3.99
CA LEU A 85 -1.10 -0.23 4.53
C LEU A 85 -2.00 0.03 5.73
N ARG A 86 -3.28 -0.30 5.62
CA ARG A 86 -4.22 -0.08 6.71
C ARG A 86 -3.84 -0.88 7.93
N GLN A 87 -3.34 -2.10 7.75
CA GLN A 87 -2.88 -2.88 8.88
C GLN A 87 -1.71 -2.19 9.57
N TRP A 88 -0.79 -1.70 8.76
CA TRP A 88 0.44 -1.08 9.23
C TRP A 88 0.18 0.24 9.91
N LEU A 89 -0.66 1.06 9.30
CA LEU A 89 -0.87 2.41 9.80
C LEU A 89 -1.67 2.37 11.09
N PRO A 90 -1.52 3.37 11.93
CA PRO A 90 -2.31 3.43 13.17
C PRO A 90 -3.81 3.39 12.87
N THR A 91 -4.54 2.70 13.72
CA THR A 91 -5.99 2.69 13.59
C THR A 91 -6.51 4.11 13.59
N GLY A 92 -7.40 4.40 12.67
CA GLY A 92 -7.92 5.74 12.54
C GLY A 92 -7.25 6.56 11.47
N THR A 93 -6.09 6.11 10.97
CA THR A 93 -5.43 6.84 9.91
C THR A 93 -6.38 7.02 8.72
N LEU A 94 -6.45 8.23 8.22
CA LEU A 94 -7.23 8.48 7.01
C LEU A 94 -6.52 7.91 5.79
N LEU A 95 -7.13 6.94 5.14
CA LEU A 95 -6.49 6.27 3.99
C LEU A 95 -7.40 6.38 2.77
N VAL A 96 -6.88 7.00 1.69
CA VAL A 96 -7.55 7.12 0.39
C VAL A 96 -6.77 6.34 -0.65
N ASP A 97 -7.45 5.62 -1.52
CA ASP A 97 -6.71 4.96 -2.61
C ASP A 97 -7.41 5.21 -3.95
N SER A 98 -6.74 4.83 -5.03
CA SER A 98 -7.18 5.20 -6.38
C SER A 98 -6.60 4.24 -7.41
N ASP A 99 -7.34 4.08 -8.50
CA ASP A 99 -6.81 3.31 -9.63
C ASP A 99 -7.71 3.62 -10.83
N LEU A 100 -7.19 3.27 -12.00
CA LEU A 100 -7.88 3.49 -13.26
C LEU A 100 -9.16 2.68 -13.35
N ASN A 101 -9.12 1.43 -12.92
CA ASN A 101 -10.24 0.54 -13.04
C ASN A 101 -10.87 0.29 -11.67
N ASP A 102 -12.12 -0.19 -11.71
CA ASP A 102 -12.92 -0.36 -10.51
C ASP A 102 -12.35 -1.49 -9.65
N PHE A 103 -12.43 -1.35 -8.32
CA PHE A 103 -11.94 -2.37 -7.42
C PHE A 103 -12.58 -2.13 -6.06
N VAL A 104 -12.65 -3.18 -5.24
CA VAL A 104 -13.18 -3.04 -3.90
C VAL A 104 -12.03 -2.91 -2.92
N SER A 105 -12.18 -2.02 -1.95
CA SER A 105 -11.08 -1.63 -1.10
C SER A 105 -11.53 -1.46 0.35
N ASP A 106 -10.55 -1.59 1.25
CA ASP A 106 -10.67 -1.26 2.66
C ASP A 106 -10.34 0.18 2.99
N ALA A 107 -9.96 0.98 2.01
CA ALA A 107 -9.67 2.38 2.24
C ALA A 107 -10.92 3.15 2.69
N ASP A 108 -10.71 4.32 3.32
CA ASP A 108 -11.85 5.12 3.76
C ASP A 108 -12.58 5.72 2.57
N SER A 109 -11.88 5.96 1.49
CA SER A 109 -12.49 6.49 0.30
C SER A 109 -11.63 6.04 -0.86
N THR A 110 -12.27 5.74 -1.99
CA THR A 110 -11.63 5.20 -3.19
C THR A 110 -12.10 6.00 -4.40
N LEU A 111 -11.15 6.45 -5.22
CA LEU A 111 -11.44 7.22 -6.41
C LEU A 111 -11.04 6.39 -7.62
N ILE A 112 -11.96 6.24 -8.58
CA ILE A 112 -11.72 5.43 -9.77
C ILE A 112 -11.56 6.36 -10.96
N GLY A 113 -10.48 6.18 -11.72
CA GLY A 113 -10.15 7.03 -12.85
C GLY A 113 -8.66 7.24 -13.02
N ASP A 114 -8.26 7.90 -14.11
CA ASP A 114 -6.87 8.25 -14.28
C ASP A 114 -6.42 9.14 -13.12
N CYS A 115 -5.21 8.90 -12.62
CA CYS A 115 -4.74 9.70 -11.49
C CYS A 115 -4.82 11.19 -11.73
N ALA A 116 -4.66 11.64 -12.98
CA ALA A 116 -4.75 13.06 -13.29
C ALA A 116 -6.12 13.64 -13.01
N THR A 117 -7.16 12.80 -12.89
CA THR A 117 -8.48 13.30 -12.53
C THR A 117 -8.67 13.51 -11.03
N VAL A 118 -7.69 13.12 -10.22
CA VAL A 118 -7.79 13.16 -8.75
C VAL A 118 -7.32 14.50 -8.23
N HIS A 119 -8.16 15.13 -7.40
CA HIS A 119 -7.88 16.41 -6.77
C HIS A 119 -8.24 16.33 -5.28
N THR A 120 -7.47 17.05 -4.49
CA THR A 120 -7.63 17.02 -3.05
C THR A 120 -7.34 18.43 -2.57
N ALA A 121 -8.15 18.89 -1.63
CA ALA A 121 -7.96 20.19 -1.01
C ALA A 121 -6.79 20.16 -0.04
N ASN A 122 -6.63 19.03 0.63
N ASN A 122 -6.60 19.02 0.60
CA ASN A 122 -5.69 18.94 1.73
CA ASN A 122 -5.68 18.92 1.71
C ASN A 122 -4.33 18.40 1.29
C ASN A 122 -4.30 18.45 1.26
N LYS A 123 -3.35 18.52 2.19
CA LYS A 123 -2.01 17.98 2.04
C LYS A 123 -1.93 16.65 2.77
N TRP A 124 -0.93 15.83 2.37
CA TRP A 124 -0.83 14.44 2.81
C TRP A 124 0.50 14.23 3.55
N ASP A 125 0.47 13.32 4.49
CA ASP A 125 1.66 12.94 5.25
C ASP A 125 2.45 11.81 4.59
N LEU A 126 1.81 11.00 3.76
CA LEU A 126 2.48 9.88 3.11
C LEU A 126 1.77 9.60 1.80
N ILE A 127 2.54 9.45 0.73
CA ILE A 127 2.04 9.12 -0.59
C ILE A 127 2.68 7.81 -1.02
N ILE A 128 1.85 6.81 -1.34
CA ILE A 128 2.30 5.51 -1.87
C ILE A 128 1.79 5.37 -3.31
N SER A 129 2.66 4.91 -4.23
CA SER A 129 2.23 4.62 -5.59
C SER A 129 2.74 3.29 -6.07
N ASP A 130 1.83 2.47 -6.53
CA ASP A 130 2.18 1.28 -7.26
C ASP A 130 1.79 1.42 -8.71
N MET A 131 1.65 2.66 -9.22
CA MET A 131 1.17 2.75 -10.58
C MET A 131 2.22 2.19 -11.50
N TYR A 132 1.79 1.46 -12.50
CA TYR A 132 2.68 0.78 -13.44
C TYR A 132 1.87 0.36 -14.67
N ASP A 133 2.44 0.52 -15.86
CA ASP A 133 1.88 0.04 -17.14
C ASP A 133 2.81 -0.99 -17.74
N PRO A 134 2.46 -2.27 -17.71
CA PRO A 134 3.44 -3.31 -18.11
C PRO A 134 3.81 -3.24 -19.56
N LYS A 135 3.15 -2.41 -20.35
CA LYS A 135 3.56 -2.17 -21.72
C LYS A 135 4.90 -1.44 -21.80
N THR A 136 5.42 -0.91 -20.69
CA THR A 136 6.73 -0.29 -20.71
C THR A 136 7.85 -1.34 -20.81
N LYS A 137 7.57 -2.62 -20.54
CA LYS A 137 8.60 -3.65 -20.59
C LYS A 137 8.88 -4.06 -22.05
N ASN A 138 9.25 -3.07 -22.86
CA ASN A 138 9.63 -3.28 -24.25
C ASN A 138 11.13 -3.08 -24.40
N VAL A 139 11.85 -4.20 -24.62
CA VAL A 139 13.30 -4.17 -24.73
C VAL A 139 13.80 -3.63 -26.07
N THR A 140 12.94 -3.59 -27.09
CA THR A 140 13.36 -3.24 -28.45
C THR A 140 13.45 -1.73 -28.71
N LYS A 141 13.05 -0.90 -27.75
CA LYS A 141 13.12 0.54 -27.91
C LYS A 141 13.99 1.14 -26.81
N GLU A 142 14.51 2.34 -27.10
CA GLU A 142 15.31 3.08 -26.14
C GLU A 142 14.53 3.30 -24.84
N ASN A 143 15.27 3.42 -23.74
CA ASN A 143 14.70 3.53 -22.38
C ASN A 143 14.84 4.97 -21.93
N ASP A 144 13.84 5.78 -22.25
CA ASP A 144 13.88 7.21 -21.91
C ASP A 144 12.98 7.48 -20.70
N SER A 145 13.24 8.59 -20.04
CA SER A 145 12.38 9.06 -18.97
C SER A 145 10.92 9.07 -19.41
N LYS A 146 10.05 8.54 -18.56
CA LYS A 146 8.63 8.43 -18.89
C LYS A 146 7.85 9.59 -18.26
N GLU A 147 6.74 9.93 -18.90
CA GLU A 147 5.93 11.01 -18.36
C GLU A 147 4.68 10.38 -17.77
N GLY A 148 3.53 10.66 -18.38
CA GLY A 148 2.29 10.00 -18.00
C GLY A 148 1.99 10.22 -16.53
N PHE A 149 1.71 9.13 -15.80
CA PHE A 149 1.35 9.29 -14.39
C PHE A 149 2.52 9.82 -13.54
N PHE A 150 3.78 9.71 -14.01
CA PHE A 150 4.90 10.27 -13.25
C PHE A 150 4.87 11.80 -13.23
N THR A 151 4.39 12.41 -14.32
CA THR A 151 4.24 13.85 -14.32
C THR A 151 3.22 14.27 -13.25
N TYR A 152 2.13 13.52 -13.16
CA TYR A 152 1.11 13.80 -12.14
C TYR A 152 1.71 13.66 -10.74
N ILE A 153 2.47 12.58 -10.52
CA ILE A 153 3.04 12.29 -9.21
C ILE A 153 4.01 13.38 -8.77
N CYS A 154 4.88 13.85 -9.67
CA CYS A 154 5.79 14.92 -9.29
C CYS A 154 5.03 16.17 -8.88
N GLY A 155 4.02 16.57 -9.65
CA GLY A 155 3.25 17.74 -9.27
C GLY A 155 2.50 17.53 -7.98
N PHE A 156 1.91 16.36 -7.81
CA PHE A 156 1.17 16.08 -6.59
C PHE A 156 2.06 16.21 -5.37
N ILE A 157 3.30 15.75 -5.50
CA ILE A 157 4.21 15.83 -4.38
C ILE A 157 4.52 17.27 -4.03
N GLN A 158 4.88 18.08 -5.04
CA GLN A 158 5.28 19.45 -4.80
C GLN A 158 4.11 20.28 -4.32
N GLN A 159 2.90 19.86 -4.65
CA GLN A 159 1.75 20.65 -4.31
C GLN A 159 0.98 20.16 -3.10
N LYS A 160 0.97 18.85 -2.81
N LYS A 160 0.98 18.86 -2.80
CA LYS A 160 0.09 18.30 -1.80
CA LYS A 160 0.08 18.30 -1.79
C LYS A 160 0.78 17.40 -0.78
C LYS A 160 0.79 17.42 -0.76
N LEU A 161 2.10 17.34 -0.78
CA LEU A 161 2.81 16.61 0.26
C LEU A 161 3.18 17.58 1.39
N ALA A 162 2.77 17.26 2.61
CA ALA A 162 3.15 18.11 3.74
C ALA A 162 4.65 18.12 3.94
N LEU A 163 5.18 19.25 4.35
CA LEU A 163 6.58 19.23 4.77
C LEU A 163 6.72 18.24 5.90
N GLY A 164 7.80 17.46 5.88
CA GLY A 164 7.98 16.34 6.78
C GLY A 164 7.45 15.02 6.28
N GLY A 165 6.59 15.02 5.27
CA GLY A 165 5.99 13.80 4.82
C GLY A 165 6.96 12.97 4.00
N SER A 166 6.53 11.77 3.64
CA SER A 166 7.36 10.85 2.90
C SER A 166 6.59 10.25 1.75
N VAL A 167 7.33 9.67 0.81
CA VAL A 167 6.73 8.99 -0.33
C VAL A 167 7.44 7.66 -0.57
N ALA A 168 6.68 6.72 -1.15
CA ALA A 168 7.27 5.54 -1.79
C ALA A 168 6.59 5.30 -3.14
N ILE A 169 7.35 5.42 -4.22
CA ILE A 169 6.84 5.39 -5.58
C ILE A 169 7.50 4.22 -6.31
N LYS A 170 6.69 3.31 -6.81
CA LYS A 170 7.15 2.16 -7.56
C LYS A 170 7.71 2.58 -8.93
N ILE A 171 8.92 2.09 -9.20
CA ILE A 171 9.61 2.22 -10.48
C ILE A 171 10.13 0.86 -10.89
N THR A 172 10.58 0.78 -12.15
CA THR A 172 11.25 -0.40 -12.68
C THR A 172 12.34 0.06 -13.66
N GLU A 173 12.97 -0.89 -14.36
CA GLU A 173 13.97 -0.49 -15.33
C GLU A 173 13.39 0.53 -16.32
N HIS A 174 12.21 0.23 -16.91
CA HIS A 174 11.55 1.07 -17.93
C HIS A 174 10.48 2.01 -17.37
N SER A 175 9.89 1.72 -16.21
CA SER A 175 8.89 2.63 -15.64
C SER A 175 9.65 3.53 -14.65
N TRP A 176 10.12 4.68 -15.11
CA TRP A 176 10.86 5.63 -14.28
C TRP A 176 10.72 7.02 -14.91
N ASN A 177 11.14 8.04 -14.15
CA ASN A 177 11.01 9.43 -14.51
C ASN A 177 12.17 10.18 -13.88
N ALA A 178 12.84 11.00 -14.67
CA ALA A 178 14.02 11.73 -14.20
C ALA A 178 13.68 12.78 -13.15
N ASP A 179 12.58 13.54 -13.34
CA ASP A 179 12.21 14.57 -12.37
C ASP A 179 11.86 13.98 -11.01
N LEU A 180 11.34 12.76 -10.98
CA LEU A 180 11.06 12.16 -9.68
C LEU A 180 12.34 11.87 -8.92
N TYR A 181 13.36 11.36 -9.60
CA TYR A 181 14.66 11.23 -8.96
C TYR A 181 15.19 12.58 -8.53
N LYS A 182 15.02 13.61 -9.37
CA LYS A 182 15.44 14.93 -8.97
C LYS A 182 14.70 15.36 -7.71
N LEU A 183 13.42 15.06 -7.63
CA LEU A 183 12.66 15.44 -6.45
C LEU A 183 13.11 14.71 -5.20
N MET A 184 13.79 13.58 -5.36
CA MET A 184 14.27 12.84 -4.22
C MET A 184 15.24 13.69 -3.42
N GLY A 185 15.98 14.54 -4.10
CA GLY A 185 16.85 15.43 -3.37
C GLY A 185 16.15 16.60 -2.66
N HIS A 186 14.82 16.69 -2.68
CA HIS A 186 14.07 17.67 -1.89
C HIS A 186 13.55 17.07 -0.58
N PHE A 187 14.04 15.90 -0.24
CA PHE A 187 13.77 15.21 1.00
C PHE A 187 15.05 15.20 1.83
N ALA A 188 14.91 15.03 3.14
CA ALA A 188 16.09 14.93 3.99
C ALA A 188 16.93 13.68 3.67
N TRP A 189 16.32 12.63 3.12
CA TRP A 189 17.02 11.40 2.74
C TRP A 189 16.17 10.66 1.70
N TRP A 190 16.82 9.76 0.97
CA TRP A 190 16.13 9.03 -0.08
C TRP A 190 16.86 7.73 -0.37
N THR A 191 16.11 6.78 -0.93
CA THR A 191 16.72 5.57 -1.45
C THR A 191 15.80 4.90 -2.48
N ALA A 192 16.36 3.90 -3.15
CA ALA A 192 15.65 2.94 -3.96
C ALA A 192 15.71 1.60 -3.24
N PHE A 193 14.54 1.10 -2.86
CA PHE A 193 14.34 -0.05 -1.97
C PHE A 193 13.77 -1.20 -2.78
N VAL A 194 14.45 -2.32 -2.74
CA VAL A 194 14.02 -3.54 -3.43
C VAL A 194 13.51 -4.54 -2.40
N THR A 195 12.31 -5.09 -2.64
CA THR A 195 11.79 -6.09 -1.73
C THR A 195 12.48 -7.44 -1.96
N ASN A 196 12.78 -8.13 -0.86
CA ASN A 196 13.38 -9.45 -1.00
C ASN A 196 12.45 -10.43 -1.68
N VAL A 197 11.12 -10.32 -1.51
CA VAL A 197 10.25 -11.27 -2.23
C VAL A 197 10.23 -11.03 -3.76
N ASN A 198 10.52 -9.82 -4.21
CA ASN A 198 10.51 -9.50 -5.65
C ASN A 198 11.90 -9.13 -6.16
N ALA A 199 12.94 -9.68 -5.55
CA ALA A 199 14.31 -9.31 -5.84
C ALA A 199 14.74 -9.67 -7.25
N SER A 200 13.97 -10.54 -7.92
CA SER A 200 14.27 -11.00 -9.27
C SER A 200 13.71 -10.04 -10.32
N SER A 201 13.11 -8.95 -9.88
CA SER A 201 12.57 -7.94 -10.76
C SER A 201 13.37 -6.63 -10.63
N SER A 202 13.36 -5.85 -11.72
CA SER A 202 13.99 -4.53 -11.67
C SER A 202 13.15 -3.51 -10.92
N GLU A 203 11.96 -3.93 -10.47
CA GLU A 203 11.18 -3.08 -9.60
C GLU A 203 12.01 -2.60 -8.42
N ALA A 204 11.75 -1.36 -8.04
CA ALA A 204 12.13 -0.80 -6.76
C ALA A 204 11.08 0.23 -6.37
N PHE A 205 11.09 0.59 -5.09
CA PHE A 205 10.31 1.70 -4.57
C PHE A 205 11.27 2.86 -4.32
N LEU A 206 11.08 3.97 -5.04
N LEU A 206 11.08 3.97 -5.05
CA LEU A 206 11.83 5.20 -4.76
CA LEU A 206 11.81 5.21 -4.75
C LEU A 206 11.21 5.86 -3.54
C LEU A 206 11.20 5.86 -3.52
N ILE A 207 11.94 5.90 -2.42
CA ILE A 207 11.43 6.41 -1.13
C ILE A 207 12.11 7.76 -0.86
N GLY A 208 11.29 8.78 -0.59
CA GLY A 208 11.77 10.09 -0.14
C GLY A 208 11.32 10.30 1.29
N CYS A 209 12.27 10.49 2.20
CA CYS A 209 12.05 10.50 3.62
C CYS A 209 12.16 11.92 4.15
N ASN A 210 11.02 12.48 4.61
CA ASN A 210 10.90 13.79 5.25
C ASN A 210 11.09 14.91 4.23
N TYR A 211 9.98 15.35 3.64
CA TYR A 211 10.00 16.36 2.60
C TYR A 211 10.36 17.75 3.13
N LEU A 212 11.27 18.43 2.44
CA LEU A 212 11.75 19.74 2.82
C LEU A 212 11.27 20.85 1.90
N GLY A 213 10.65 20.53 0.77
CA GLY A 213 10.06 21.55 -0.06
C GLY A 213 11.04 22.36 -0.89
N LYS A 214 12.30 22.02 -0.86
CA LYS A 214 13.33 22.72 -1.59
C LYS A 214 14.45 21.73 -1.85
N PRO A 215 15.31 22.00 -2.83
CA PRO A 215 16.43 21.09 -3.09
C PRO A 215 17.42 21.14 -1.95
N ARG A 216 17.57 20.04 -1.23
CA ARG A 216 18.71 19.88 -0.35
C ARG A 216 19.95 19.47 -1.13
N GLU A 217 19.76 18.70 -2.19
CA GLU A 217 20.85 18.27 -3.04
C GLU A 217 20.35 18.20 -4.47
N GLN A 218 21.23 18.52 -5.41
CA GLN A 218 20.88 18.54 -6.81
C GLN A 218 21.16 17.15 -7.38
N ILE A 219 20.13 16.53 -7.99
CA ILE A 219 20.23 15.19 -8.53
C ILE A 219 19.87 15.22 -10.00
N ASP A 220 20.77 14.74 -10.85
CA ASP A 220 20.45 14.44 -12.24
C ASP A 220 19.76 13.07 -12.31
N GLY A 221 18.47 13.06 -12.67
CA GLY A 221 17.73 11.80 -12.60
C GLY A 221 18.03 10.82 -13.71
N TYR A 222 18.48 11.30 -14.87
CA TYR A 222 18.97 10.37 -15.89
C TYR A 222 20.16 9.59 -15.35
N VAL A 223 21.13 10.29 -14.76
CA VAL A 223 22.27 9.63 -14.15
C VAL A 223 21.83 8.75 -12.98
N MET A 224 20.94 9.24 -12.13
CA MET A 224 20.65 8.45 -10.95
C MET A 224 19.98 7.14 -11.35
N HIS A 225 19.14 7.17 -12.38
CA HIS A 225 18.48 5.93 -12.76
C HIS A 225 19.51 4.93 -13.30
N ALA A 226 20.49 5.45 -14.06
CA ALA A 226 21.57 4.63 -14.53
C ALA A 226 22.36 4.05 -13.36
N ASN A 227 22.60 4.87 -12.34
CA ASN A 227 23.26 4.39 -11.12
C ASN A 227 22.46 3.26 -10.46
N TYR A 228 21.12 3.38 -10.45
CA TYR A 228 20.25 2.39 -9.83
C TYR A 228 20.36 1.07 -10.59
N ILE A 229 20.27 1.16 -11.92
CA ILE A 229 20.38 -0.03 -12.75
C ILE A 229 21.77 -0.65 -12.59
N PHE A 230 22.81 0.17 -12.55
CA PHE A 230 24.17 -0.35 -12.33
C PHE A 230 24.27 -1.14 -11.04
N TRP A 231 23.74 -0.57 -9.94
CA TRP A 231 23.68 -1.29 -8.67
C TRP A 231 23.02 -2.64 -8.86
N ARG A 232 21.79 -2.64 -9.37
CA ARG A 232 21.05 -3.90 -9.57
C ARG A 232 21.80 -4.87 -10.48
N ASN A 233 22.43 -4.37 -11.53
CA ASN A 233 23.12 -5.24 -12.47
C ASN A 233 24.31 -5.92 -11.81
N THR A 234 24.86 -5.37 -10.73
CA THR A 234 26.12 -5.86 -10.17
C THR A 234 25.97 -6.35 -8.74
N ASN A 235 24.76 -6.46 -8.26
CA ASN A 235 24.50 -6.89 -6.91
C ASN A 235 23.26 -7.77 -6.86
N PRO A 236 23.39 -9.04 -7.22
CA PRO A 236 22.27 -9.97 -7.12
C PRO A 236 21.69 -9.97 -5.72
N ILE A 237 20.37 -9.97 -5.63
CA ILE A 237 19.69 -10.03 -4.35
C ILE A 237 19.03 -11.39 -4.29
N GLN A 238 19.37 -12.14 -3.24
CA GLN A 238 18.76 -13.44 -3.02
C GLN A 238 17.26 -13.31 -2.69
N LEU A 239 16.40 -13.87 -3.53
CA LEU A 239 15.00 -13.96 -3.17
C LEU A 239 14.78 -14.50 -1.76
N SER A 240 13.93 -13.82 -0.98
CA SER A 240 13.70 -14.28 0.37
C SER A 240 12.36 -13.78 0.90
N SER A 241 11.65 -14.68 1.56
N SER A 241 11.65 -14.70 1.56
CA SER A 241 10.40 -14.40 2.26
CA SER A 241 10.40 -14.44 2.25
C SER A 241 10.55 -14.48 3.77
C SER A 241 10.55 -14.44 3.77
N TYR A 242 11.79 -14.55 4.28
CA TYR A 242 12.02 -14.74 5.72
C TYR A 242 11.31 -13.71 6.59
N SER A 243 11.45 -12.42 6.28
CA SER A 243 10.84 -11.37 7.13
C SER A 243 9.33 -11.45 7.22
N LEU A 244 8.67 -12.17 6.35
CA LEU A 244 7.22 -12.25 6.47
C LEU A 244 6.77 -13.05 7.68
N PHE A 245 7.63 -13.90 8.21
CA PHE A 245 7.20 -14.76 9.29
C PHE A 245 7.32 -14.10 10.66
N ASP A 246 7.85 -12.89 10.74
CA ASP A 246 7.94 -12.18 12.00
C ASP A 246 7.27 -10.82 11.89
N MET A 247 6.03 -10.78 12.36
CA MET A 247 5.20 -9.58 12.30
C MET A 247 5.00 -8.91 13.64
N SER A 248 5.75 -9.33 14.68
CA SER A 248 5.51 -8.83 16.04
C SER A 248 5.78 -7.35 16.15
N LYS A 249 6.68 -6.83 15.33
CA LYS A 249 6.97 -5.41 15.39
C LYS A 249 6.49 -4.68 14.15
N PHE A 250 5.50 -5.22 13.49
CA PHE A 250 5.05 -4.62 12.25
C PHE A 250 4.34 -3.29 12.36
N PRO A 251 3.41 -3.09 13.29
CA PRO A 251 2.67 -1.82 13.34
C PRO A 251 3.56 -0.58 13.32
N LEU A 252 3.17 0.40 12.52
CA LEU A 252 3.88 1.68 12.54
C LEU A 252 3.58 2.36 13.88
N LYS A 253 4.61 2.81 14.58
CA LYS A 253 4.43 3.41 15.91
C LYS A 253 3.78 4.77 15.80
N LEU A 254 2.73 4.99 16.61
CA LEU A 254 2.06 6.28 16.64
C LEU A 254 2.96 7.23 17.44
N ARG A 255 3.76 8.02 16.74
CA ARG A 255 4.70 8.91 17.39
C ARG A 255 4.04 10.20 17.87
N GLY A 256 2.82 10.48 17.43
CA GLY A 256 2.16 11.70 17.83
C GLY A 256 2.84 12.92 17.29
N THR A 257 3.52 12.78 16.16
CA THR A 257 4.33 13.84 15.62
C THR A 257 3.51 15.11 15.55
N ALA A 258 4.14 16.23 15.89
CA ALA A 258 3.47 17.52 15.91
C ALA A 258 3.14 17.99 14.51
N VAL A 259 1.98 18.62 14.38
CA VAL A 259 1.52 19.26 13.15
C VAL A 259 1.39 20.76 13.40
N MET A 260 2.01 21.57 12.55
CA MET A 260 1.85 23.01 12.63
C MET A 260 1.54 23.60 11.26
N SER A 261 0.73 24.64 11.25
CA SER A 261 0.57 25.46 10.05
C SER A 261 1.69 26.50 10.06
N LEU A 262 2.33 26.70 8.92
CA LEU A 262 3.46 27.62 8.88
C LEU A 262 3.56 28.18 7.47
N LYS A 263 4.14 29.37 7.39
CA LYS A 263 4.21 30.17 6.18
C LYS A 263 5.69 30.24 5.78
N GLU A 264 5.94 30.42 4.48
CA GLU A 264 7.29 30.25 3.96
C GLU A 264 8.32 31.05 4.74
N GLY A 265 7.95 32.23 5.24
CA GLY A 265 8.92 33.03 5.96
C GLY A 265 9.37 32.41 7.25
N GLN A 266 8.51 31.60 7.87
CA GLN A 266 8.80 31.03 9.18
C GLN A 266 9.56 29.72 9.12
N ILE A 267 9.84 29.21 7.92
CA ILE A 267 10.55 27.94 7.77
C ILE A 267 12.04 28.22 7.86
N ASN A 268 12.58 28.15 9.07
CA ASN A 268 13.97 28.43 9.34
C ASN A 268 14.75 27.12 9.47
N ASP A 269 15.99 27.21 9.95
CA ASP A 269 16.84 26.04 10.04
C ASP A 269 16.46 25.16 11.21
N MET A 270 15.98 25.74 12.31
CA MET A 270 15.47 24.91 13.38
C MET A 270 14.31 24.05 12.87
N ILE A 271 13.33 24.68 12.23
CA ILE A 271 12.21 23.94 11.65
C ILE A 271 12.72 22.89 10.67
N LEU A 272 13.55 23.32 9.72
CA LEU A 272 14.11 22.39 8.76
C LEU A 272 14.79 21.22 9.43
N SER A 273 15.41 21.44 10.59
CA SER A 273 16.08 20.35 11.30
C SER A 273 15.07 19.38 11.90
N LEU A 274 13.99 19.92 12.46
CA LEU A 274 12.94 19.07 12.99
C LEU A 274 12.26 18.27 11.87
N LEU A 275 11.99 18.92 10.74
CA LEU A 275 11.44 18.22 9.60
C LEU A 275 12.33 17.07 9.19
N SER A 276 13.64 17.32 9.13
N SER A 276 13.65 17.31 9.12
CA SER A 276 14.58 16.33 8.65
CA SER A 276 14.59 16.33 8.63
C SER A 276 14.72 15.15 9.56
C SER A 276 14.73 15.15 9.56
N LYS A 277 14.29 15.28 10.81
CA LYS A 277 14.40 14.23 11.81
C LYS A 277 13.10 13.48 12.04
N GLY A 278 12.06 13.78 11.28
CA GLY A 278 10.84 13.02 11.48
C GLY A 278 10.05 13.49 12.66
N ARG A 279 10.23 14.73 13.07
CA ARG A 279 9.62 15.22 14.30
C ARG A 279 8.63 16.36 14.04
N LEU A 280 8.36 16.70 12.79
CA LEU A 280 7.45 17.80 12.52
C LEU A 280 6.77 17.58 11.17
N ILE A 281 5.46 17.84 11.13
CA ILE A 281 4.67 17.90 9.91
C ILE A 281 4.09 19.32 9.78
N ILE A 282 4.23 19.92 8.61
CA ILE A 282 3.71 21.25 8.34
C ILE A 282 2.64 21.18 7.26
N ARG A 283 1.43 21.56 7.64
CA ARG A 283 0.24 21.57 6.79
C ARG A 283 -0.94 22.03 7.65
N GLU A 284 -2.03 22.42 6.97
CA GLU A 284 -3.27 22.64 7.71
C GLU A 284 -3.81 21.31 8.20
N ASN A 285 -4.64 21.37 9.22
CA ASN A 285 -5.24 20.19 9.82
C ASN A 285 -6.76 20.22 9.67
N ASN A 286 -7.23 20.76 8.56
CA ASN A 286 -8.66 20.85 8.30
C ASN A 286 -9.22 19.47 7.92
N ARG A 287 -10.45 19.48 7.41
CA ARG A 287 -11.12 18.27 6.98
C ARG A 287 -10.53 17.82 5.65
N VAL A 288 -10.54 16.51 5.42
CA VAL A 288 -9.97 15.97 4.20
C VAL A 288 -11.08 15.82 3.16
N VAL A 289 -10.92 16.50 2.02
CA VAL A 289 -11.89 16.50 0.95
C VAL A 289 -11.20 16.19 -0.36
N ILE A 290 -11.76 15.25 -1.12
CA ILE A 290 -11.18 14.80 -2.36
C ILE A 290 -12.27 14.79 -3.42
N SER A 291 -11.85 14.76 -4.67
CA SER A 291 -12.80 14.60 -5.75
C SER A 291 -12.11 14.03 -6.97
N SER A 292 -12.92 13.56 -7.90
CA SER A 292 -12.49 12.98 -9.15
C SER A 292 -13.22 13.72 -10.27
N ASP A 293 -12.46 14.33 -11.18
CA ASP A 293 -13.03 14.98 -12.34
C ASP A 293 -13.72 13.96 -13.23
N VAL A 294 -14.91 14.29 -13.71
CA VAL A 294 -15.69 13.44 -14.58
C VAL A 294 -15.97 14.18 -15.90
N LEU A 295 -15.60 13.54 -17.01
CA LEU A 295 -15.83 14.06 -18.34
C LEU A 295 -17.24 13.71 -18.77
N VAL A 296 -17.98 14.71 -19.21
CA VAL A 296 -19.37 14.53 -19.56
C VAL A 296 -19.49 14.56 -21.07
N ASN A 297 -20.19 13.56 -21.62
CA ASN A 297 -20.42 13.44 -23.05
C ASN A 297 -21.79 12.82 -23.29
N ASN A 298 -22.45 13.27 -24.36
CA ASN A 298 -23.71 12.68 -24.82
C ASN A 298 -23.45 12.05 -26.19
N GLU A 299 -23.41 10.72 -26.24
CA GLU A 299 -23.12 9.97 -27.46
C GLU A 299 -24.33 9.80 -28.38
N ASN A 300 -25.51 10.24 -27.95
CA ASN A 300 -26.69 10.13 -28.78
C ASN A 300 -26.64 11.14 -29.93
N LEU A 301 -27.37 10.82 -31.00
CA LEU A 301 -27.39 11.65 -32.19
C LEU A 301 -28.56 11.23 -33.10
N ALA B 19 -41.23 -4.33 -4.33
CA ALA B 19 -41.40 -5.60 -3.62
C ALA B 19 -40.39 -6.63 -4.08
N PHE B 20 -39.68 -6.35 -5.17
CA PHE B 20 -38.64 -7.23 -5.68
C PHE B 20 -37.27 -6.70 -5.29
N ALA B 21 -36.48 -7.58 -4.67
CA ALA B 21 -35.08 -7.32 -4.34
C ALA B 21 -34.31 -8.58 -4.64
N VAL B 22 -33.19 -8.44 -5.33
CA VAL B 22 -32.34 -9.59 -5.56
C VAL B 22 -31.81 -10.08 -4.22
N ASP B 23 -31.76 -11.41 -4.05
CA ASP B 23 -31.24 -12.02 -2.82
C ASP B 23 -29.92 -12.73 -3.16
N ALA B 24 -28.80 -12.02 -3.00
CA ALA B 24 -27.51 -12.61 -3.36
C ALA B 24 -27.00 -13.58 -2.32
N ALA B 25 -27.30 -13.32 -1.04
CA ALA B 25 -27.00 -14.28 0.02
C ALA B 25 -27.50 -15.67 -0.35
N LYS B 26 -28.79 -15.78 -0.69
CA LYS B 26 -29.36 -17.08 -1.04
C LYS B 26 -28.75 -17.60 -2.32
N ALA B 27 -28.48 -16.72 -3.26
CA ALA B 27 -27.91 -17.17 -4.53
C ALA B 27 -26.55 -17.81 -4.31
N TYR B 28 -25.71 -17.19 -3.47
CA TYR B 28 -24.39 -17.75 -3.21
C TYR B 28 -24.53 -19.06 -2.45
N LYS B 29 -25.38 -19.11 -1.43
CA LYS B 29 -25.63 -20.36 -0.72
C LYS B 29 -26.05 -21.47 -1.66
N ASP B 30 -26.99 -21.18 -2.57
CA ASP B 30 -27.46 -22.21 -3.49
C ASP B 30 -26.37 -22.57 -4.50
N TYR B 31 -25.56 -21.60 -4.91
CA TYR B 31 -24.46 -21.88 -5.81
C TYR B 31 -23.43 -22.79 -5.13
N LEU B 32 -23.16 -22.52 -3.85
CA LEU B 32 -22.24 -23.36 -3.11
C LEU B 32 -22.80 -24.77 -2.94
N ALA B 33 -24.07 -24.89 -2.57
CA ALA B 33 -24.69 -26.20 -2.40
C ALA B 33 -24.65 -27.01 -3.68
N SER B 34 -24.83 -26.35 -4.81
CA SER B 34 -24.79 -27.03 -6.09
C SER B 34 -23.38 -27.40 -6.51
N GLY B 35 -22.37 -27.09 -5.71
CA GLY B 35 -21.00 -27.45 -6.04
C GLY B 35 -20.18 -26.36 -6.70
N GLY B 36 -20.61 -25.11 -6.65
CA GLY B 36 -19.84 -24.05 -7.28
C GLY B 36 -18.61 -23.69 -6.46
N GLN B 37 -17.57 -23.20 -7.16
CA GLN B 37 -16.30 -22.90 -6.50
C GLN B 37 -16.40 -21.60 -5.69
N PRO B 38 -15.91 -21.58 -4.46
CA PRO B 38 -16.06 -20.38 -3.63
C PRO B 38 -15.35 -19.16 -4.25
N ILE B 39 -15.87 -17.98 -3.96
CA ILE B 39 -15.21 -16.74 -4.36
C ILE B 39 -13.75 -16.77 -3.89
N THR B 40 -12.85 -16.41 -4.79
CA THR B 40 -11.43 -16.44 -4.55
C THR B 40 -10.91 -15.00 -4.41
N ASN B 41 -9.60 -14.92 -4.12
CA ASN B 41 -8.87 -13.66 -4.05
C ASN B 41 -9.29 -12.81 -2.86
N CYS B 42 -9.85 -13.43 -1.84
CA CYS B 42 -9.91 -12.77 -0.54
C CYS B 42 -8.49 -12.49 -0.07
N VAL B 43 -8.29 -11.30 0.49
CA VAL B 43 -6.94 -10.80 0.74
C VAL B 43 -6.47 -11.31 2.10
N LYS B 44 -5.59 -12.32 2.10
CA LYS B 44 -5.12 -12.87 3.36
C LYS B 44 -3.89 -12.11 3.86
N MET B 45 -3.93 -11.73 5.13
CA MET B 45 -2.92 -10.91 5.75
C MET B 45 -1.83 -11.73 6.43
N LEU B 46 -0.63 -11.18 6.49
CA LEU B 46 0.40 -11.73 7.33
C LEU B 46 0.19 -11.18 8.74
N CYS B 47 0.34 -12.03 9.75
CA CYS B 47 0.14 -11.59 11.12
C CYS B 47 0.79 -12.62 12.02
N THR B 48 0.87 -12.29 13.31
CA THR B 48 1.55 -13.17 14.26
C THR B 48 0.76 -14.43 14.53
N HIS B 49 -0.57 -14.38 14.37
CA HIS B 49 -1.46 -15.46 14.78
C HIS B 49 -1.36 -15.74 16.27
N THR B 50 -1.12 -14.68 17.04
CA THR B 50 -1.23 -14.69 18.49
C THR B 50 -2.22 -13.63 18.97
N GLY B 51 -3.28 -13.39 18.20
CA GLY B 51 -4.22 -12.32 18.49
C GLY B 51 -5.41 -12.82 19.27
N THR B 52 -6.35 -11.91 19.50
CA THR B 52 -7.48 -12.18 20.37
C THR B 52 -8.42 -13.24 19.83
N GLY B 53 -8.40 -13.50 18.53
CA GLY B 53 -9.39 -14.39 17.93
C GLY B 53 -10.79 -13.83 17.74
N GLN B 54 -11.03 -12.56 18.05
CA GLN B 54 -12.33 -11.99 17.77
C GLN B 54 -12.64 -11.97 16.26
N ALA B 55 -13.91 -11.88 15.94
CA ALA B 55 -14.36 -12.15 14.58
C ALA B 55 -13.96 -11.04 13.61
N ILE B 56 -14.22 -9.78 13.96
CA ILE B 56 -14.07 -8.64 13.07
C ILE B 56 -13.39 -7.53 13.84
N THR B 57 -12.19 -7.17 13.42
CA THR B 57 -11.38 -6.28 14.23
C THR B 57 -10.75 -5.21 13.35
N VAL B 58 -10.23 -4.17 14.02
CA VAL B 58 -9.65 -3.05 13.29
C VAL B 58 -8.25 -3.31 12.78
N THR B 59 -7.62 -4.39 13.22
CA THR B 59 -6.30 -4.84 12.79
C THR B 59 -6.33 -6.35 12.89
N PRO B 60 -5.52 -7.05 12.11
CA PRO B 60 -5.58 -8.52 12.15
C PRO B 60 -5.41 -9.06 13.57
N GLU B 61 -6.23 -10.07 13.93
CA GLU B 61 -6.29 -10.60 15.28
C GLU B 61 -6.43 -12.11 15.27
N ALA B 62 -6.02 -12.75 14.18
CA ALA B 62 -6.06 -14.20 14.09
C ALA B 62 -5.30 -14.82 15.24
N ASN B 63 -5.84 -15.93 15.77
CA ASN B 63 -5.13 -16.75 16.73
C ASN B 63 -4.51 -17.91 15.97
N MET B 64 -4.02 -18.94 16.69
CA MET B 64 -3.31 -20.04 16.05
C MET B 64 -4.19 -20.81 15.08
N ASP B 65 -5.51 -20.73 15.24
CA ASP B 65 -6.40 -21.53 14.42
C ASP B 65 -7.20 -20.72 13.42
N GLN B 66 -6.81 -19.47 13.17
CA GLN B 66 -7.50 -18.64 12.22
C GLN B 66 -6.54 -18.01 11.21
N GLU B 67 -7.13 -17.52 10.12
CA GLU B 67 -6.46 -16.64 9.20
C GLU B 67 -7.17 -15.31 9.21
N SER B 68 -6.42 -14.24 9.04
CA SER B 68 -7.02 -12.91 9.02
C SER B 68 -7.06 -12.44 7.57
N PHE B 69 -8.15 -11.77 7.19
CA PHE B 69 -8.30 -11.28 5.84
C PHE B 69 -8.76 -9.84 5.84
N GLY B 70 -8.36 -9.09 4.82
CA GLY B 70 -8.99 -7.81 4.62
C GLY B 70 -10.49 -7.97 4.43
N GLY B 71 -11.24 -7.15 5.19
CA GLY B 71 -12.68 -7.32 5.29
C GLY B 71 -13.41 -7.10 3.99
N ALA B 72 -13.13 -6.00 3.30
CA ALA B 72 -13.91 -5.76 2.08
C ALA B 72 -13.88 -6.95 1.13
N SER B 73 -12.71 -7.59 0.99
CA SER B 73 -12.53 -8.68 0.05
C SER B 73 -13.29 -9.93 0.46
N CYS B 74 -13.81 -9.97 1.69
CA CYS B 74 -14.61 -11.08 2.21
C CYS B 74 -16.10 -10.77 2.30
N CYS B 75 -16.55 -9.63 1.82
CA CYS B 75 -17.96 -9.24 1.89
C CYS B 75 -18.61 -9.54 0.55
N LEU B 76 -19.63 -10.40 0.55
CA LEU B 76 -20.34 -10.72 -0.69
C LEU B 76 -20.82 -9.47 -1.42
N TYR B 77 -21.36 -8.52 -0.69
CA TYR B 77 -21.95 -7.34 -1.31
C TYR B 77 -20.86 -6.46 -1.92
N CYS B 78 -19.78 -6.21 -1.19
CA CYS B 78 -18.65 -5.49 -1.75
C CYS B 78 -18.19 -6.15 -3.05
N ARG B 79 -17.98 -7.48 -3.01
CA ARG B 79 -17.33 -8.20 -4.11
C ARG B 79 -18.23 -8.32 -5.31
N CYS B 80 -19.54 -8.36 -5.09
CA CYS B 80 -20.46 -8.47 -6.19
C CYS B 80 -20.94 -7.13 -6.70
N HIS B 81 -20.54 -6.03 -6.07
CA HIS B 81 -20.96 -4.69 -6.48
C HIS B 81 -22.47 -4.55 -6.36
N ILE B 82 -22.97 -4.86 -5.17
CA ILE B 82 -24.39 -4.74 -4.89
C ILE B 82 -24.61 -4.08 -3.53
N ASP B 83 -25.84 -3.62 -3.34
CA ASP B 83 -26.16 -2.84 -2.15
C ASP B 83 -26.05 -3.73 -0.92
N HIS B 84 -25.64 -3.13 0.17
CA HIS B 84 -25.61 -3.88 1.41
C HIS B 84 -27.02 -3.94 2.01
N PRO B 85 -27.37 -5.06 2.67
CA PRO B 85 -28.71 -5.17 3.29
C PRO B 85 -29.00 -4.13 4.36
N ASN B 86 -27.98 -3.56 4.99
CA ASN B 86 -28.20 -2.44 5.89
C ASN B 86 -29.04 -1.38 5.18
N PRO B 87 -30.13 -0.89 5.79
CA PRO B 87 -30.87 0.21 5.18
C PRO B 87 -30.02 1.46 4.99
N LYS B 88 -28.95 1.59 5.76
CA LYS B 88 -27.98 2.66 5.56
C LYS B 88 -26.93 2.32 4.51
N GLY B 89 -26.92 1.09 4.02
CA GLY B 89 -25.90 0.62 3.12
C GLY B 89 -24.54 0.40 3.75
N PHE B 90 -24.41 0.56 5.06
CA PHE B 90 -23.13 0.42 5.75
C PHE B 90 -22.65 -1.03 5.68
N CYS B 91 -21.34 -1.20 5.55
CA CYS B 91 -20.71 -2.51 5.46
C CYS B 91 -20.05 -2.90 6.78
N ASP B 92 -20.31 -4.12 7.23
CA ASP B 92 -19.76 -4.62 8.49
C ASP B 92 -18.26 -4.91 8.38
N LEU B 93 -17.78 -5.20 7.18
CA LEU B 93 -16.44 -5.72 7.04
C LEU B 93 -15.46 -4.72 6.45
N LYS B 94 -15.91 -3.91 5.51
CA LYS B 94 -15.04 -2.98 4.82
C LYS B 94 -14.21 -2.14 5.78
N GLY B 95 -12.92 -2.05 5.52
CA GLY B 95 -12.03 -1.26 6.36
C GLY B 95 -11.63 -1.94 7.64
N LYS B 96 -12.03 -3.17 7.85
CA LYS B 96 -11.62 -3.93 9.01
C LYS B 96 -10.96 -5.23 8.57
N TYR B 97 -10.67 -6.10 9.55
CA TYR B 97 -10.12 -7.42 9.26
C TYR B 97 -11.07 -8.45 9.85
N VAL B 98 -11.26 -9.56 9.14
CA VAL B 98 -12.09 -10.65 9.60
C VAL B 98 -11.21 -11.85 9.86
N GLN B 99 -11.43 -12.49 10.99
CA GLN B 99 -10.76 -13.74 11.31
C GLN B 99 -11.64 -14.91 10.87
N ILE B 100 -11.08 -15.80 10.06
CA ILE B 100 -11.78 -16.98 9.58
C ILE B 100 -11.07 -18.20 10.13
N PRO B 101 -11.79 -19.16 10.74
CA PRO B 101 -11.15 -20.44 11.10
C PRO B 101 -10.39 -20.98 9.91
N THR B 102 -9.18 -21.46 10.19
CA THR B 102 -8.34 -22.02 9.14
C THR B 102 -9.04 -23.13 8.37
N THR B 103 -9.84 -23.95 9.06
CA THR B 103 -10.56 -25.00 8.37
C THR B 103 -11.58 -24.47 7.34
N CYS B 104 -12.03 -23.22 7.47
CA CYS B 104 -12.99 -22.65 6.55
C CYS B 104 -12.40 -21.59 5.63
N ALA B 105 -11.07 -21.41 5.66
CA ALA B 105 -10.42 -20.31 4.94
C ALA B 105 -10.50 -20.47 3.42
N ASN B 106 -10.96 -21.61 2.92
CA ASN B 106 -11.16 -21.72 1.49
C ASN B 106 -12.40 -20.97 0.99
N ASP B 107 -13.23 -20.44 1.88
CA ASP B 107 -14.45 -19.73 1.48
C ASP B 107 -14.75 -18.68 2.52
N PRO B 108 -13.91 -17.66 2.62
CA PRO B 108 -14.20 -16.63 3.61
C PRO B 108 -15.53 -15.95 3.39
N VAL B 109 -15.90 -15.68 2.14
CA VAL B 109 -17.18 -14.99 1.90
C VAL B 109 -18.34 -15.86 2.38
N GLY B 110 -18.33 -17.14 2.02
CA GLY B 110 -19.34 -18.05 2.54
C GLY B 110 -19.37 -18.04 4.05
N PHE B 111 -18.19 -18.06 4.68
CA PHE B 111 -18.15 -18.12 6.12
C PHE B 111 -18.79 -16.89 6.75
N THR B 112 -18.42 -15.68 6.28
CA THR B 112 -18.96 -14.47 6.90
C THR B 112 -20.46 -14.36 6.68
N LEU B 113 -20.92 -14.87 5.54
CA LEU B 113 -22.34 -14.81 5.23
C LEU B 113 -23.14 -15.67 6.19
N LYS B 114 -22.72 -16.93 6.36
CA LYS B 114 -23.48 -17.94 7.09
C LYS B 114 -23.35 -17.85 8.60
N ASN B 115 -22.44 -17.05 9.12
CA ASN B 115 -22.15 -17.07 10.55
C ASN B 115 -22.42 -15.72 11.14
N THR B 116 -22.54 -15.68 12.47
CA THR B 116 -22.89 -14.46 13.16
C THR B 116 -21.95 -14.25 14.32
N VAL B 117 -21.71 -12.99 14.62
CA VAL B 117 -20.77 -12.57 15.66
C VAL B 117 -21.54 -12.36 16.96
N CYS B 118 -21.01 -12.89 18.06
CA CYS B 118 -21.61 -12.62 19.36
C CYS B 118 -21.39 -11.16 19.77
N THR B 119 -22.48 -10.44 20.03
CA THR B 119 -22.40 -9.01 20.37
C THR B 119 -21.81 -8.75 21.75
N VAL B 120 -21.52 -9.79 22.53
CA VAL B 120 -21.01 -9.63 23.88
C VAL B 120 -19.50 -9.78 23.89
N CYS B 121 -19.01 -10.94 23.49
CA CYS B 121 -17.59 -11.22 23.54
C CYS B 121 -16.86 -10.96 22.21
N GLY B 122 -17.60 -10.72 21.13
CA GLY B 122 -17.00 -10.42 19.84
C GLY B 122 -16.46 -11.61 19.07
N MET B 123 -16.64 -12.81 19.59
CA MET B 123 -16.18 -13.99 18.89
C MET B 123 -17.29 -14.52 17.99
N TRP B 124 -16.90 -15.37 17.04
CA TRP B 124 -17.87 -16.03 16.17
C TRP B 124 -18.71 -17.00 16.99
N LYS B 125 -20.03 -16.89 16.90
CA LYS B 125 -20.90 -17.89 17.51
C LYS B 125 -20.54 -19.26 16.97
N GLY B 126 -20.25 -20.21 17.85
CA GLY B 126 -19.86 -21.55 17.44
C GLY B 126 -18.41 -21.72 17.02
N TYR B 127 -17.63 -20.65 16.96
CA TYR B 127 -16.22 -20.77 16.63
C TYR B 127 -15.43 -19.85 17.54
N GLY B 128 -15.68 -19.99 18.85
CA GLY B 128 -14.97 -19.22 19.83
C GLY B 128 -15.83 -18.61 20.91
N CYS B 129 -17.12 -18.41 20.64
CA CYS B 129 -17.98 -17.79 21.62
C CYS B 129 -18.33 -18.82 22.67
N SER B 130 -18.07 -18.51 23.95
CA SER B 130 -18.36 -19.40 25.07
C SER B 130 -19.30 -18.72 26.07
N CYS B 131 -19.99 -17.67 25.65
CA CYS B 131 -20.93 -16.99 26.54
C CYS B 131 -22.04 -17.93 27.00
N ASP B 132 -22.41 -18.90 26.16
CA ASP B 132 -23.50 -19.82 26.46
C ASP B 132 -23.02 -21.07 27.20
N GLN B 133 -21.79 -21.08 27.70
CA GLN B 133 -21.32 -22.15 28.57
C GLN B 133 -21.92 -22.00 29.97
N LEU B 134 -21.71 -23.03 30.78
CA LEU B 134 -22.34 -23.13 32.10
C LEU B 134 -23.87 -23.11 32.00
#